data_1FZK
#
_entry.id   1FZK
#
_cell.length_a   136.75
_cell.length_b   87.92
_cell.length_c   45.99
_cell.angle_alpha   90.00
_cell.angle_beta   90.00
_cell.angle_gamma   90.00
#
_symmetry.space_group_name_H-M   'P 21 21 2'
#
loop_
_entity.id
_entity.type
_entity.pdbx_description
1 polymer 'H-2 CLASS I HISTOCOMPATIBILITY ANTIGEN, K-B ALPHA CHAIN'
2 polymer 'PROTEIN (BETA-2-MICROGLOBULIN)'
3 polymer 'PROTEIN (NUCLEOCAPSID PROTEIN)'
4 branched 2-acetamido-2-deoxy-beta-D-glucopyranose-(1-4)-[beta-L-fucopyranose-(1-6)]2-acetamido-2-deoxy-beta-D-glucopyranose
5 non-polymer 2-acetamido-2-deoxy-beta-D-glucopyranose
6 non-polymer 'PHOSPHATE ION'
7 non-polymer (4R)-2-METHYLPENTANE-2,4-DIOL
8 non-polymer (4S)-2-METHYL-2,4-PENTANEDIOL
9 water water
#
loop_
_entity_poly.entity_id
_entity_poly.type
_entity_poly.pdbx_seq_one_letter_code
_entity_poly.pdbx_strand_id
1 'polypeptide(L)'
;GPHSLRYFVTAVSRPGLGEPRYMEVGYVDDTEFVRFDSDAENPRYEPRARWMEQEGPEYWERETQKAKGNEQSFRVDLRT
LLGYYNQSKGGSHTIQVISGCEVGSDGRLLRGYQQYAYDG(CSO)DYIALNEDLKTWTAADMAALITKHKWEQAGAAEYY
RAYLEGTCVEWLRRYLKNGNATLLRTDSPKAHVTHHSRPEDKVTLRCWALGFYPADITLTWQLNGEELIQDMELVETRPA
GDGTFQKWASVVVPLGKEQYYTCHVYHQGLPEPLTLRW
;
A
2 'polypeptide(L)'
;IQKTPQIQVYSRHPPENGKPNILNCYVTQFHPPHIEIQMLKNGKKIPKVEMSDMSFSKDWSFYILAHTEFTPTETDTYAC
RVKHDSMAEPKTVYWDRDM
;
B
3 'polypeptide(L)' FAPGNYPAL P
#
# COMPACT_ATOMS: atom_id res chain seq x y z
N GLY A 1 17.96 12.20 -2.03
CA GLY A 1 17.20 11.52 -3.11
C GLY A 1 15.81 12.12 -3.30
N PRO A 2 15.04 11.62 -4.27
CA PRO A 2 13.68 12.11 -4.54
C PRO A 2 12.67 11.66 -3.49
N HIS A 3 11.58 12.41 -3.36
CA HIS A 3 10.54 12.09 -2.40
C HIS A 3 9.17 12.36 -3.01
N SER A 4 8.14 11.73 -2.47
CA SER A 4 6.79 11.90 -3.00
C SER A 4 5.72 12.08 -1.93
N LEU A 5 4.63 12.72 -2.33
CA LEU A 5 3.46 12.95 -1.49
C LEU A 5 2.31 12.37 -2.31
N ARG A 6 1.62 11.38 -1.75
CA ARG A 6 0.52 10.74 -2.48
C ARG A 6 -0.74 10.56 -1.65
N TYR A 7 -1.90 10.68 -2.30
CA TYR A 7 -3.18 10.48 -1.66
C TYR A 7 -3.99 9.43 -2.43
N PHE A 8 -4.34 8.36 -1.74
CA PHE A 8 -5.15 7.28 -2.32
C PHE A 8 -6.58 7.45 -1.83
N VAL A 9 -7.51 7.64 -2.76
CA VAL A 9 -8.93 7.83 -2.41
C VAL A 9 -9.80 6.71 -2.97
N THR A 10 -10.74 6.23 -2.16
CA THR A 10 -11.66 5.17 -2.57
C THR A 10 -13.10 5.44 -2.12
N ALA A 11 -14.04 5.25 -3.03
CA ALA A 11 -15.47 5.43 -2.73
C ALA A 11 -16.17 4.15 -3.19
N VAL A 12 -16.90 3.51 -2.29
CA VAL A 12 -17.59 2.25 -2.59
C VAL A 12 -19.07 2.28 -2.24
N SER A 13 -19.94 2.13 -3.23
CA SER A 13 -21.37 2.15 -2.94
C SER A 13 -21.79 0.82 -2.33
N ARG A 14 -22.89 0.85 -1.58
CA ARG A 14 -23.40 -0.36 -0.94
C ARG A 14 -24.92 -0.27 -0.84
N PRO A 15 -25.61 -0.45 -1.98
CA PRO A 15 -27.07 -0.39 -2.04
C PRO A 15 -27.75 -1.16 -0.93
N GLY A 16 -28.75 -0.53 -0.32
CA GLY A 16 -29.49 -1.15 0.76
C GLY A 16 -28.81 -1.08 2.11
N LEU A 17 -27.59 -0.54 2.16
CA LEU A 17 -26.85 -0.45 3.42
C LEU A 17 -26.43 0.96 3.80
N GLY A 18 -27.05 1.96 3.17
CA GLY A 18 -26.71 3.34 3.50
C GLY A 18 -25.78 4.02 2.52
N GLU A 19 -25.12 5.07 2.99
CA GLU A 19 -24.19 5.85 2.18
C GLU A 19 -22.93 5.08 1.82
N PRO A 20 -22.28 5.46 0.72
CA PRO A 20 -21.04 4.79 0.30
C PRO A 20 -19.95 4.92 1.35
N ARG A 21 -19.01 3.98 1.38
CA ARG A 21 -17.92 4.12 2.33
C ARG A 21 -16.88 4.95 1.58
N TYR A 22 -16.30 5.92 2.26
CA TYR A 22 -15.31 6.80 1.66
C TYR A 22 -14.04 6.82 2.50
N MET A 23 -12.89 6.63 1.85
N MET A 23 -12.89 6.63 1.86
CA MET A 23 -11.61 6.64 2.56
CA MET A 23 -11.60 6.62 2.56
C MET A 23 -10.54 7.42 1.81
C MET A 23 -10.50 7.37 1.82
N GLU A 24 -9.66 8.06 2.58
CA GLU A 24 -8.53 8.80 2.03
C GLU A 24 -7.31 8.38 2.87
N VAL A 25 -6.22 7.99 2.21
CA VAL A 25 -4.99 7.61 2.92
C VAL A 25 -3.81 8.33 2.27
N GLY A 26 -3.05 9.06 3.08
CA GLY A 26 -1.92 9.80 2.56
C GLY A 26 -0.58 9.21 2.95
N TYR A 27 0.38 9.32 2.03
CA TYR A 27 1.74 8.83 2.22
C TYR A 27 2.84 9.81 1.82
N VAL A 28 3.92 9.84 2.59
CA VAL A 28 5.10 10.61 2.22
C VAL A 28 6.05 9.43 1.97
N ASP A 29 6.50 9.30 0.72
CA ASP A 29 7.33 8.18 0.32
C ASP A 29 6.51 6.91 0.60
N ASP A 30 7.07 5.94 1.30
CA ASP A 30 6.31 4.72 1.57
C ASP A 30 5.83 4.63 3.01
N THR A 31 5.68 5.78 3.65
CA THR A 31 5.23 5.85 5.05
C THR A 31 3.84 6.48 5.15
N GLU A 32 2.87 5.77 5.73
CA GLU A 32 1.51 6.28 5.89
C GLU A 32 1.59 7.42 6.93
N PHE A 33 0.97 8.57 6.63
CA PHE A 33 1.04 9.67 7.60
C PHE A 33 -0.28 10.34 8.01
N VAL A 34 -1.34 10.18 7.21
CA VAL A 34 -2.67 10.72 7.52
C VAL A 34 -3.75 9.78 6.97
N ARG A 35 -4.94 9.83 7.56
CA ARG A 35 -6.05 8.97 7.14
C ARG A 35 -7.43 9.51 7.51
N PHE A 36 -8.41 9.27 6.63
CA PHE A 36 -9.81 9.66 6.85
C PHE A 36 -10.67 8.44 6.48
N ASP A 37 -11.58 8.06 7.37
CA ASP A 37 -12.47 6.91 7.13
C ASP A 37 -13.90 7.28 7.55
N SER A 38 -14.81 7.36 6.57
CA SER A 38 -16.20 7.71 6.85
C SER A 38 -16.92 6.76 7.81
N ASP A 39 -16.37 5.57 8.00
CA ASP A 39 -17.00 4.58 8.88
C ASP A 39 -16.56 4.60 10.35
N ALA A 40 -15.92 5.68 10.78
CA ALA A 40 -15.52 5.83 12.18
C ALA A 40 -16.73 6.56 12.75
N GLU A 41 -16.94 6.59 14.07
CA GLU A 41 -18.15 7.27 14.54
C GLU A 41 -18.08 8.80 14.50
N ASN A 42 -16.88 9.35 14.49
CA ASN A 42 -16.68 10.80 14.39
C ASN A 42 -15.61 10.99 13.32
N PRO A 43 -15.96 10.72 12.06
CA PRO A 43 -15.00 10.87 10.97
C PRO A 43 -14.21 12.18 11.02
N ARG A 44 -12.90 12.04 11.16
CA ARG A 44 -11.98 13.16 11.21
C ARG A 44 -10.70 12.71 10.53
N TYR A 45 -9.96 13.64 9.96
CA TYR A 45 -8.67 13.31 9.36
C TYR A 45 -7.79 13.12 10.61
N GLU A 46 -6.98 12.07 10.62
CA GLU A 46 -6.15 11.77 11.79
C GLU A 46 -4.69 11.50 11.43
N PRO A 47 -3.76 11.78 12.37
CA PRO A 47 -2.34 11.55 12.14
C PRO A 47 -2.05 10.05 12.19
N ARG A 48 -1.11 9.60 11.36
CA ARG A 48 -0.72 8.19 11.32
C ARG A 48 0.78 8.03 11.56
N ALA A 49 1.49 9.16 11.63
CA ALA A 49 2.93 9.19 11.89
C ALA A 49 3.16 10.14 13.07
N ARG A 50 4.11 9.79 13.94
CA ARG A 50 4.40 10.59 15.13
C ARG A 50 4.74 12.06 14.88
N TRP A 51 5.52 12.33 13.83
CA TRP A 51 5.92 13.71 13.55
C TRP A 51 4.78 14.64 13.18
N MET A 52 3.61 14.10 12.84
CA MET A 52 2.49 14.95 12.48
C MET A 52 1.89 15.64 13.72
N GLU A 53 2.45 15.34 14.88
CA GLU A 53 2.01 15.98 16.13
C GLU A 53 2.43 17.46 16.06
N GLN A 54 3.30 17.78 15.11
CA GLN A 54 3.79 19.14 14.95
C GLN A 54 2.83 20.11 14.26
N GLU A 55 1.72 19.59 13.72
CA GLU A 55 0.73 20.46 13.08
C GLU A 55 -0.26 20.90 14.15
N GLY A 56 -0.81 22.11 13.99
CA GLY A 56 -1.76 22.61 14.96
C GLY A 56 -3.19 22.14 14.73
N PRO A 57 -4.11 22.44 15.66
CA PRO A 57 -5.50 22.01 15.51
C PRO A 57 -6.17 22.50 14.23
N GLU A 58 -5.73 23.65 13.72
CA GLU A 58 -6.33 24.21 12.50
C GLU A 58 -6.05 23.33 11.27
N TYR A 59 -4.89 22.68 11.26
CA TYR A 59 -4.54 21.80 10.15
C TYR A 59 -5.55 20.65 10.03
N TRP A 60 -5.86 20.03 11.18
CA TRP A 60 -6.79 18.92 11.21
C TRP A 60 -8.22 19.34 10.87
N GLU A 61 -8.61 20.52 11.31
CA GLU A 61 -9.96 20.99 11.03
C GLU A 61 -10.13 21.21 9.52
N ARG A 62 -9.13 21.80 8.89
CA ARG A 62 -9.19 22.07 7.46
C ARG A 62 -9.19 20.80 6.61
N GLU A 63 -8.34 19.83 6.98
CA GLU A 63 -8.29 18.59 6.22
C GLU A 63 -9.60 17.81 6.38
N THR A 64 -10.18 17.86 7.57
CA THR A 64 -11.45 17.17 7.82
C THR A 64 -12.56 17.76 6.95
N GLN A 65 -12.64 19.09 6.89
CA GLN A 65 -13.67 19.74 6.08
C GLN A 65 -13.52 19.38 4.60
N LYS A 66 -12.28 19.30 4.12
N LYS A 66 -12.27 19.30 4.15
CA LYS A 66 -12.04 18.95 2.72
CA LYS A 66 -11.93 18.96 2.77
C LYS A 66 -12.50 17.53 2.45
C LYS A 66 -12.40 17.55 2.44
N ALA A 67 -12.17 16.62 3.37
CA ALA A 67 -12.56 15.23 3.20
C ALA A 67 -14.08 15.07 3.13
N LYS A 68 -14.82 15.78 3.99
CA LYS A 68 -16.27 15.67 3.97
C LYS A 68 -16.84 16.20 2.65
N GLY A 69 -16.18 17.22 2.10
CA GLY A 69 -16.62 17.77 0.83
C GLY A 69 -16.35 16.77 -0.28
N ASN A 70 -15.17 16.15 -0.25
CA ASN A 70 -14.80 15.16 -1.25
C ASN A 70 -15.74 13.97 -1.21
N GLU A 71 -16.09 13.55 0.00
CA GLU A 71 -17.00 12.43 0.19
C GLU A 71 -18.33 12.65 -0.57
N GLN A 72 -18.84 13.88 -0.53
CA GLN A 72 -20.08 14.18 -1.22
C GLN A 72 -19.95 14.20 -2.74
N SER A 73 -18.81 14.69 -3.24
N SER A 73 -18.81 14.69 -3.22
CA SER A 73 -18.61 14.75 -4.68
CA SER A 73 -18.54 14.75 -4.66
C SER A 73 -18.54 13.33 -5.27
C SER A 73 -18.51 13.35 -5.27
N PHE A 74 -17.87 12.42 -4.57
CA PHE A 74 -17.76 11.06 -5.06
C PHE A 74 -19.09 10.30 -4.96
N ARG A 75 -19.93 10.69 -4.02
CA ARG A 75 -21.24 10.07 -3.87
C ARG A 75 -22.03 10.40 -5.15
N VAL A 76 -21.90 11.64 -5.62
CA VAL A 76 -22.59 12.06 -6.84
C VAL A 76 -22.00 11.34 -8.05
N ASP A 77 -20.67 11.20 -8.07
CA ASP A 77 -19.99 10.51 -9.18
C ASP A 77 -20.50 9.08 -9.35
N LEU A 78 -20.73 8.39 -8.25
CA LEU A 78 -21.23 7.01 -8.32
C LEU A 78 -22.57 6.95 -9.04
N ARG A 79 -23.45 7.93 -8.79
CA ARG A 79 -24.75 7.97 -9.47
C ARG A 79 -24.57 8.33 -10.95
N THR A 80 -23.72 9.30 -11.23
CA THR A 80 -23.48 9.73 -12.61
C THR A 80 -23.00 8.59 -13.48
N LEU A 81 -22.05 7.81 -12.97
CA LEU A 81 -21.53 6.69 -13.75
C LEU A 81 -22.57 5.60 -14.03
N LEU A 82 -23.56 5.45 -13.15
CA LEU A 82 -24.60 4.45 -13.40
C LEU A 82 -25.30 4.88 -14.69
N GLY A 83 -25.40 6.18 -14.87
CA GLY A 83 -26.04 6.72 -16.06
C GLY A 83 -25.19 6.56 -17.31
N TYR A 84 -23.90 6.91 -17.22
CA TYR A 84 -23.00 6.78 -18.37
C TYR A 84 -22.93 5.35 -18.89
N TYR A 85 -22.90 4.39 -17.96
CA TYR A 85 -22.77 2.97 -18.33
C TYR A 85 -24.10 2.20 -18.38
N ASN A 86 -25.21 2.88 -18.13
CA ASN A 86 -26.53 2.26 -18.14
C ASN A 86 -26.60 1.04 -17.23
N GLN A 87 -26.19 1.24 -15.96
CA GLN A 87 -26.18 0.18 -14.95
C GLN A 87 -27.31 0.38 -13.94
N SER A 88 -27.69 -0.69 -13.25
CA SER A 88 -28.76 -0.62 -12.25
C SER A 88 -28.23 -0.07 -10.93
N LYS A 89 -29.15 0.32 -10.04
CA LYS A 89 -28.76 0.86 -8.74
C LYS A 89 -28.64 -0.22 -7.67
N GLY A 90 -28.81 -1.48 -8.05
CA GLY A 90 -28.73 -2.54 -7.07
C GLY A 90 -27.37 -3.14 -6.77
N GLY A 91 -26.38 -2.84 -7.62
CA GLY A 91 -25.05 -3.40 -7.41
C GLY A 91 -24.03 -2.44 -6.83
N SER A 92 -22.97 -2.99 -6.24
CA SER A 92 -21.90 -2.17 -5.66
C SER A 92 -20.86 -1.83 -6.71
N HIS A 93 -20.38 -0.58 -6.70
CA HIS A 93 -19.37 -0.12 -7.64
C HIS A 93 -18.32 0.67 -6.89
N THR A 94 -17.13 0.76 -7.48
CA THR A 94 -15.98 1.43 -6.87
C THR A 94 -15.29 2.48 -7.72
N ILE A 95 -14.96 3.62 -7.12
CA ILE A 95 -14.20 4.66 -7.79
C ILE A 95 -12.89 4.78 -7.00
N GLN A 96 -11.78 4.83 -7.71
CA GLN A 96 -10.45 4.95 -7.09
C GLN A 96 -9.68 6.09 -7.73
N VAL A 97 -8.92 6.83 -6.93
CA VAL A 97 -8.10 7.92 -7.44
C VAL A 97 -6.74 7.95 -6.75
N ILE A 98 -5.70 8.24 -7.52
CA ILE A 98 -4.36 8.39 -6.95
C ILE A 98 -3.87 9.75 -7.44
N SER A 99 -3.50 10.60 -6.49
CA SER A 99 -3.00 11.94 -6.78
C SER A 99 -1.65 12.12 -6.09
N GLY A 100 -0.71 12.79 -6.74
CA GLY A 100 0.56 12.99 -6.09
C GLY A 100 1.55 13.85 -6.84
N CYS A 101 2.59 14.27 -6.12
CA CYS A 101 3.67 15.07 -6.68
C CYS A 101 4.97 14.48 -6.18
N GLU A 102 6.04 14.63 -6.95
N GLU A 102 6.04 14.65 -6.95
CA GLU A 102 7.34 14.12 -6.57
CA GLU A 102 7.35 14.12 -6.63
C GLU A 102 8.39 15.18 -6.80
C GLU A 102 8.40 15.21 -6.82
N VAL A 103 9.30 15.35 -5.85
CA VAL A 103 10.37 16.35 -5.95
C VAL A 103 11.74 15.68 -5.89
N GLY A 104 12.76 16.38 -6.38
CA GLY A 104 14.12 15.87 -6.34
C GLY A 104 14.78 16.16 -5.01
N SER A 105 16.07 15.86 -4.89
N SER A 105 16.06 15.84 -4.89
CA SER A 105 16.81 16.09 -3.65
CA SER A 105 16.79 16.08 -3.64
C SER A 105 16.86 17.57 -3.29
C SER A 105 16.91 17.56 -3.30
N ASP A 106 16.70 18.42 -4.29
CA ASP A 106 16.76 19.88 -4.07
C ASP A 106 15.37 20.47 -3.79
N GLY A 107 14.36 19.61 -3.74
CA GLY A 107 13.01 20.07 -3.45
C GLY A 107 12.19 20.61 -4.61
N ARG A 108 12.72 20.55 -5.83
CA ARG A 108 11.97 21.06 -6.98
C ARG A 108 11.14 19.96 -7.65
N LEU A 109 10.00 20.35 -8.20
CA LEU A 109 9.08 19.41 -8.85
C LEU A 109 9.68 18.59 -10.00
N LEU A 110 9.46 17.27 -9.95
CA LEU A 110 9.93 16.37 -11.01
C LEU A 110 8.75 15.94 -11.87
N ARG A 111 7.63 15.63 -11.21
CA ARG A 111 6.43 15.21 -11.92
C ARG A 111 5.20 15.21 -11.01
N GLY A 112 4.04 15.26 -11.64
CA GLY A 112 2.78 15.27 -10.91
C GLY A 112 1.80 14.39 -11.67
N TYR A 113 0.77 13.91 -10.98
CA TYR A 113 -0.21 13.04 -11.61
C TYR A 113 -1.53 12.90 -10.87
N GLN A 114 -2.54 12.43 -11.59
CA GLN A 114 -3.86 12.16 -11.03
C GLN A 114 -4.55 11.20 -11.97
N GLN A 115 -4.85 10.01 -11.49
CA GLN A 115 -5.50 9.00 -12.31
C GLN A 115 -6.72 8.40 -11.61
N TYR A 116 -7.77 8.18 -12.38
CA TYR A 116 -9.04 7.63 -11.90
C TYR A 116 -9.37 6.27 -12.51
N ALA A 117 -10.07 5.44 -11.74
CA ALA A 117 -10.52 4.12 -12.19
C ALA A 117 -11.94 3.87 -11.71
N TYR A 118 -12.71 3.10 -12.49
CA TYR A 118 -14.08 2.73 -12.13
C TYR A 118 -14.11 1.20 -12.20
N ASP A 119 -14.54 0.58 -11.11
CA ASP A 119 -14.61 -0.87 -11.01
C ASP A 119 -13.30 -1.56 -11.41
N GLY A 120 -12.19 -0.97 -10.96
CA GLY A 120 -10.88 -1.54 -11.23
C GLY A 120 -10.27 -1.36 -12.60
N ASP A 122 -9.05 1.48 -15.82
CA ASP A 122 -8.68 2.87 -16.15
C ASP A 122 -9.90 3.64 -16.62
N TYR A 123 -10.07 4.87 -16.13
CA TYR A 123 -11.18 5.71 -16.55
C TYR A 123 -10.62 6.96 -17.24
N ILE A 124 -9.96 7.82 -16.48
CA ILE A 124 -9.37 9.04 -17.05
C ILE A 124 -8.09 9.38 -16.29
N ALA A 125 -7.13 10.00 -16.97
CA ALA A 125 -5.87 10.37 -16.33
C ALA A 125 -5.26 11.65 -16.90
N LEU A 126 -4.53 12.36 -16.06
CA LEU A 126 -3.87 13.59 -16.47
C LEU A 126 -2.61 13.24 -17.27
N ASN A 127 -2.41 13.90 -18.41
CA ASN A 127 -1.21 13.63 -19.19
C ASN A 127 0.01 14.26 -18.52
N GLU A 128 1.20 13.78 -18.89
CA GLU A 128 2.44 14.28 -18.32
C GLU A 128 2.60 15.80 -18.41
N ASP A 129 2.02 16.39 -19.44
CA ASP A 129 2.11 17.84 -19.65
C ASP A 129 1.32 18.66 -18.63
N LEU A 130 0.51 17.96 -17.84
CA LEU A 130 -0.33 18.59 -16.81
C LEU A 130 -1.31 19.59 -17.42
N LYS A 131 -1.60 19.42 -18.71
CA LYS A 131 -2.53 20.33 -19.40
C LYS A 131 -3.78 19.65 -19.97
N THR A 132 -3.67 18.39 -20.36
CA THR A 132 -4.81 17.67 -20.94
C THR A 132 -5.02 16.31 -20.31
N TRP A 133 -6.21 15.75 -20.50
CA TRP A 133 -6.57 14.44 -19.96
C TRP A 133 -6.68 13.40 -21.05
N THR A 134 -6.51 12.13 -20.69
CA THR A 134 -6.67 11.07 -21.68
C THR A 134 -7.75 10.12 -21.14
N ALA A 135 -8.76 9.84 -21.98
CA ALA A 135 -9.91 9.00 -21.61
C ALA A 135 -9.84 7.59 -22.16
N ALA A 136 -10.17 6.61 -21.31
CA ALA A 136 -10.12 5.20 -21.70
C ALA A 136 -11.34 4.68 -22.49
N ASP A 137 -12.49 5.34 -22.36
CA ASP A 137 -13.68 4.93 -23.09
C ASP A 137 -14.59 6.12 -23.37
N MET A 138 -15.75 5.88 -23.99
CA MET A 138 -16.66 6.97 -24.33
C MET A 138 -17.29 7.67 -23.14
N ALA A 139 -17.40 6.99 -22.00
CA ALA A 139 -17.96 7.60 -20.80
C ALA A 139 -16.94 8.63 -20.31
N ALA A 140 -15.68 8.23 -20.25
CA ALA A 140 -14.63 9.13 -19.79
C ALA A 140 -14.43 10.29 -20.76
N LEU A 141 -14.86 10.11 -22.02
CA LEU A 141 -14.72 11.20 -23.00
C LEU A 141 -15.72 12.31 -22.65
N ILE A 142 -16.87 11.92 -22.11
CA ILE A 142 -17.89 12.89 -21.70
C ILE A 142 -17.27 13.70 -20.55
N THR A 143 -16.63 12.99 -19.61
CA THR A 143 -15.98 13.64 -18.48
C THR A 143 -14.88 14.58 -18.97
N LYS A 144 -14.10 14.14 -19.95
CA LYS A 144 -13.01 14.94 -20.51
C LYS A 144 -13.55 16.27 -21.04
N HIS A 145 -14.63 16.19 -21.81
CA HIS A 145 -15.23 17.39 -22.38
C HIS A 145 -15.72 18.33 -21.28
N LYS A 146 -16.30 17.78 -20.22
CA LYS A 146 -16.77 18.61 -19.11
C LYS A 146 -15.59 19.31 -18.44
N TRP A 147 -14.53 18.56 -18.16
CA TRP A 147 -13.36 19.14 -17.51
C TRP A 147 -12.61 20.16 -18.33
N GLU A 148 -12.67 20.06 -19.65
CA GLU A 148 -12.00 21.04 -20.50
C GLU A 148 -12.73 22.38 -20.44
N GLN A 149 -14.06 22.33 -20.41
CA GLN A 149 -14.84 23.56 -20.33
C GLN A 149 -14.76 24.19 -18.94
N ALA A 150 -14.46 23.38 -17.93
CA ALA A 150 -14.38 23.88 -16.56
C ALA A 150 -12.96 24.29 -16.13
N GLY A 151 -11.96 23.95 -16.93
CA GLY A 151 -10.59 24.30 -16.60
C GLY A 151 -10.01 23.48 -15.45
N ALA A 152 -10.46 22.25 -15.32
CA ALA A 152 -10.01 21.37 -14.25
C ALA A 152 -8.50 21.13 -14.20
N ALA A 153 -7.87 20.95 -15.36
CA ALA A 153 -6.42 20.70 -15.38
C ALA A 153 -5.62 21.90 -14.86
N GLU A 154 -6.06 23.11 -15.18
CA GLU A 154 -5.33 24.29 -14.71
C GLU A 154 -5.36 24.39 -13.17
N TYR A 155 -6.51 24.09 -12.58
CA TYR A 155 -6.62 24.14 -11.13
C TYR A 155 -5.75 23.06 -10.48
N TYR A 156 -5.74 21.87 -11.07
CA TYR A 156 -4.93 20.81 -10.49
C TYR A 156 -3.44 21.09 -10.67
N ARG A 157 -3.08 21.69 -11.79
CA ARG A 157 -1.68 22.01 -12.03
C ARG A 157 -1.20 23.01 -10.98
N ALA A 158 -2.06 23.94 -10.60
CA ALA A 158 -1.69 24.93 -9.58
C ALA A 158 -1.45 24.24 -8.23
N TYR A 159 -2.24 23.23 -7.92
CA TYR A 159 -2.07 22.48 -6.66
C TYR A 159 -0.71 21.77 -6.69
N LEU A 160 -0.42 21.10 -7.80
CA LEU A 160 0.85 20.37 -7.93
C LEU A 160 2.09 21.25 -7.75
N GLU A 161 2.13 22.35 -8.49
CA GLU A 161 3.29 23.25 -8.46
C GLU A 161 3.40 24.13 -7.22
N GLY A 162 2.29 24.31 -6.50
CA GLY A 162 2.34 25.14 -5.32
C GLY A 162 2.20 24.34 -4.05
N THR A 163 0.95 24.19 -3.63
CA THR A 163 0.55 23.49 -2.42
C THR A 163 1.23 22.14 -2.17
N CYS A 164 1.13 21.25 -3.16
CA CYS A 164 1.69 19.90 -3.03
C CYS A 164 3.18 19.89 -2.72
N VAL A 165 3.95 20.64 -3.51
CA VAL A 165 5.40 20.70 -3.32
C VAL A 165 5.78 21.38 -2.00
N GLU A 166 5.13 22.49 -1.69
CA GLU A 166 5.43 23.21 -0.46
C GLU A 166 5.16 22.41 0.82
N TRP A 167 4.06 21.67 0.84
CA TRP A 167 3.78 20.89 2.04
C TRP A 167 4.66 19.67 2.10
N LEU A 168 4.99 19.07 0.95
CA LEU A 168 5.89 17.91 0.96
C LEU A 168 7.24 18.34 1.58
N ARG A 169 7.73 19.52 1.21
CA ARG A 169 8.99 20.01 1.76
C ARG A 169 8.86 20.17 3.28
N ARG A 170 7.72 20.69 3.73
CA ARG A 170 7.50 20.87 5.17
C ARG A 170 7.49 19.54 5.91
N TYR A 171 6.84 18.52 5.36
CA TYR A 171 6.78 17.23 6.02
C TYR A 171 8.17 16.60 6.14
N LEU A 172 8.99 16.75 5.10
CA LEU A 172 10.34 16.20 5.11
C LEU A 172 11.19 16.91 6.19
N LYS A 173 10.92 18.18 6.42
CA LYS A 173 11.65 18.95 7.44
C LYS A 173 11.21 18.55 8.85
N ASN A 174 9.89 18.56 9.10
CA ASN A 174 9.35 18.21 10.42
C ASN A 174 9.64 16.76 10.81
N GLY A 175 9.47 15.84 9.87
CA GLY A 175 9.71 14.43 10.17
C GLY A 175 11.05 13.91 9.68
N ASN A 176 12.06 14.77 9.63
CA ASN A 176 13.38 14.36 9.15
C ASN A 176 13.95 13.13 9.87
N ALA A 177 13.76 13.04 11.18
CA ALA A 177 14.29 11.91 11.95
C ALA A 177 13.72 10.57 11.49
N THR A 178 12.52 10.59 10.94
CA THR A 178 11.85 9.38 10.45
C THR A 178 12.01 9.17 8.95
N LEU A 179 11.67 10.20 8.19
CA LEU A 179 11.70 10.13 6.72
C LEU A 179 13.06 10.11 6.03
N LEU A 180 14.06 10.74 6.63
CA LEU A 180 15.37 10.77 5.99
C LEU A 180 16.35 9.78 6.62
N ARG A 181 15.84 8.85 7.41
CA ARG A 181 16.67 7.85 8.07
C ARG A 181 16.94 6.68 7.13
N THR A 182 17.91 5.86 7.50
CA THR A 182 18.24 4.66 6.74
C THR A 182 18.44 3.52 7.74
N ASP A 183 17.63 2.47 7.61
CA ASP A 183 17.74 1.30 8.48
C ASP A 183 18.29 0.18 7.59
N SER A 184 19.46 -0.34 7.95
CA SER A 184 20.10 -1.41 7.17
C SER A 184 19.41 -2.76 7.29
N PRO A 185 19.31 -3.49 6.17
CA PRO A 185 18.68 -4.81 6.18
C PRO A 185 19.56 -5.82 6.91
N LYS A 186 18.93 -6.79 7.57
CA LYS A 186 19.63 -7.87 8.25
C LYS A 186 19.10 -9.09 7.51
N ALA A 187 20.00 -9.93 7.00
CA ALA A 187 19.58 -11.08 6.22
C ALA A 187 19.92 -12.45 6.80
N HIS A 188 19.26 -13.47 6.27
N HIS A 188 19.17 -13.45 6.34
CA HIS A 188 19.51 -14.85 6.67
CA HIS A 188 19.32 -14.85 6.75
C HIS A 188 18.89 -15.76 5.62
C HIS A 188 18.82 -15.78 5.66
N VAL A 189 19.30 -17.02 5.63
CA VAL A 189 18.84 -18.00 4.66
C VAL A 189 18.21 -19.21 5.35
N THR A 190 17.03 -19.62 4.91
CA THR A 190 16.37 -20.80 5.46
C THR A 190 16.46 -21.93 4.43
N HIS A 191 16.35 -23.17 4.91
CA HIS A 191 16.48 -24.36 4.08
C HIS A 191 15.30 -25.31 4.24
N HIS A 192 14.74 -25.78 3.12
CA HIS A 192 13.61 -26.70 3.15
C HIS A 192 13.73 -27.84 2.15
N SER A 193 13.48 -29.05 2.61
CA SER A 193 13.56 -30.23 1.75
C SER A 193 12.35 -30.32 0.84
N ARG A 194 12.45 -31.13 -0.20
CA ARG A 194 11.35 -31.32 -1.12
C ARG A 194 11.43 -32.65 -1.86
N PRO A 195 10.39 -32.99 -2.63
CA PRO A 195 10.38 -34.26 -3.37
C PRO A 195 11.37 -34.22 -4.53
N GLU A 196 12.11 -35.32 -4.71
CA GLU A 196 13.07 -35.45 -5.83
C GLU A 196 14.48 -34.88 -5.62
N ASP A 197 15.08 -35.16 -4.47
CA ASP A 197 16.44 -34.70 -4.18
C ASP A 197 16.71 -33.24 -4.49
N LYS A 198 15.72 -32.38 -4.23
CA LYS A 198 15.89 -30.95 -4.46
C LYS A 198 15.71 -30.26 -3.12
N VAL A 199 16.04 -28.97 -3.06
CA VAL A 199 15.90 -28.21 -1.84
C VAL A 199 15.51 -26.78 -2.17
N THR A 200 14.78 -26.14 -1.26
CA THR A 200 14.38 -24.76 -1.45
C THR A 200 15.24 -23.89 -0.55
N LEU A 201 15.89 -22.89 -1.13
CA LEU A 201 16.72 -21.98 -0.36
C LEU A 201 15.98 -20.65 -0.38
N ARG A 202 15.70 -20.10 0.79
CA ARG A 202 14.98 -18.82 0.88
C ARG A 202 15.80 -17.75 1.59
N CYS A 203 16.02 -16.65 0.88
CA CYS A 203 16.80 -15.53 1.41
C CYS A 203 15.86 -14.46 1.95
N TRP A 204 16.05 -14.10 3.21
CA TRP A 204 15.23 -13.08 3.87
C TRP A 204 16.00 -11.80 4.14
N ALA A 205 15.32 -10.66 3.96
CA ALA A 205 15.91 -9.35 4.25
C ALA A 205 14.91 -8.71 5.21
N LEU A 206 15.38 -8.34 6.40
CA LEU A 206 14.52 -7.77 7.45
C LEU A 206 14.91 -6.41 8.00
N GLY A 207 13.91 -5.74 8.57
CA GLY A 207 14.08 -4.45 9.22
C GLY A 207 14.70 -3.28 8.48
N PHE A 208 14.40 -3.13 7.21
CA PHE A 208 15.00 -2.02 6.45
C PHE A 208 14.07 -0.88 6.06
N TYR A 209 14.69 0.25 5.72
CA TYR A 209 13.99 1.46 5.29
C TYR A 209 15.04 2.32 4.59
N PRO A 210 14.71 2.89 3.43
CA PRO A 210 13.46 2.85 2.66
C PRO A 210 13.10 1.46 2.12
N ALA A 211 11.95 1.37 1.47
CA ALA A 211 11.44 0.11 0.92
C ALA A 211 12.19 -0.45 -0.29
N ASP A 212 12.76 0.41 -1.13
CA ASP A 212 13.46 -0.08 -2.32
C ASP A 212 14.61 -1.00 -1.96
N ILE A 213 14.64 -2.17 -2.57
CA ILE A 213 15.70 -3.14 -2.29
C ILE A 213 15.78 -4.13 -3.43
N THR A 214 16.91 -4.80 -3.56
CA THR A 214 17.08 -5.81 -4.59
C THR A 214 17.67 -7.08 -3.96
N LEU A 215 17.03 -8.21 -4.23
CA LEU A 215 17.48 -9.50 -3.73
C LEU A 215 17.67 -10.41 -4.94
N THR A 216 18.84 -11.04 -5.06
CA THR A 216 19.09 -11.94 -6.18
C THR A 216 19.81 -13.20 -5.70
N TRP A 217 19.73 -14.24 -6.51
CA TRP A 217 20.41 -15.51 -6.22
C TRP A 217 21.37 -15.72 -7.39
N GLN A 218 22.60 -16.15 -7.08
CA GLN A 218 23.60 -16.38 -8.12
C GLN A 218 24.19 -17.79 -8.09
N LEU A 219 24.62 -18.23 -9.27
CA LEU A 219 25.25 -19.53 -9.47
C LEU A 219 26.41 -19.28 -10.42
N ASN A 220 27.63 -19.44 -9.91
CA ASN A 220 28.83 -19.23 -10.72
C ASN A 220 28.88 -17.84 -11.33
N GLY A 221 28.48 -16.84 -10.55
CA GLY A 221 28.51 -15.47 -11.02
C GLY A 221 27.35 -15.02 -11.90
N GLU A 222 26.40 -15.92 -12.13
CA GLU A 222 25.25 -15.58 -12.97
C GLU A 222 23.95 -15.54 -12.15
N GLU A 223 23.12 -14.54 -12.41
CA GLU A 223 21.86 -14.39 -11.71
C GLU A 223 20.80 -15.36 -12.25
N LEU A 224 19.98 -15.87 -11.34
CA LEU A 224 18.92 -16.83 -11.68
C LEU A 224 17.54 -16.20 -11.58
N ILE A 225 17.43 -14.92 -11.93
CA ILE A 225 16.15 -14.21 -11.84
C ILE A 225 14.96 -14.97 -12.43
N GLN A 226 15.24 -15.92 -13.32
CA GLN A 226 14.19 -16.70 -13.95
C GLN A 226 13.47 -17.69 -13.02
N ASP A 227 14.18 -18.74 -12.63
CA ASP A 227 13.63 -19.79 -11.78
C ASP A 227 13.48 -19.37 -10.32
N MET A 228 13.56 -18.06 -10.07
CA MET A 228 13.46 -17.53 -8.73
C MET A 228 12.03 -17.12 -8.39
N GLU A 229 11.61 -17.37 -7.14
CA GLU A 229 10.29 -16.99 -6.68
C GLU A 229 10.46 -15.92 -5.60
N LEU A 230 9.47 -15.05 -5.45
CA LEU A 230 9.56 -14.01 -4.44
C LEU A 230 8.22 -13.36 -4.11
N VAL A 231 8.23 -12.47 -3.11
CA VAL A 231 7.04 -11.74 -2.72
C VAL A 231 7.34 -10.26 -2.87
N GLU A 232 6.31 -9.45 -3.08
CA GLU A 232 6.51 -8.01 -3.21
C GLU A 232 6.98 -7.50 -1.85
N THR A 233 7.80 -6.46 -1.84
CA THR A 233 8.29 -5.89 -0.60
C THR A 233 7.06 -5.50 0.23
N ARG A 234 7.09 -5.82 1.52
CA ARG A 234 5.95 -5.59 2.41
C ARG A 234 6.25 -4.91 3.75
N PRO A 235 5.28 -4.15 4.30
CA PRO A 235 5.46 -3.45 5.58
C PRO A 235 5.41 -4.44 6.76
N ALA A 236 6.20 -4.17 7.79
CA ALA A 236 6.29 -5.06 8.95
C ALA A 236 5.68 -4.56 10.27
N GLY A 237 4.84 -3.53 10.18
CA GLY A 237 4.14 -3.01 11.36
C GLY A 237 4.77 -1.96 12.26
N ASP A 238 6.01 -1.59 12.00
CA ASP A 238 6.70 -0.60 12.82
C ASP A 238 7.40 0.45 11.97
N GLY A 239 6.98 0.57 10.71
CA GLY A 239 7.60 1.55 9.84
C GLY A 239 8.75 1.02 9.00
N THR A 240 9.06 -0.27 9.13
CA THR A 240 10.14 -0.87 8.35
C THR A 240 9.55 -1.89 7.37
N PHE A 241 10.39 -2.43 6.50
CA PHE A 241 9.93 -3.39 5.49
C PHE A 241 10.72 -4.69 5.48
N GLN A 242 10.19 -5.67 4.75
CA GLN A 242 10.84 -6.98 4.62
C GLN A 242 10.54 -7.61 3.25
N LYS A 243 11.32 -8.61 2.88
CA LYS A 243 11.14 -9.27 1.59
C LYS A 243 11.91 -10.60 1.59
N TRP A 244 11.48 -11.54 0.74
CA TRP A 244 12.20 -12.80 0.60
C TRP A 244 12.20 -13.24 -0.86
N ALA A 245 13.22 -14.01 -1.23
CA ALA A 245 13.35 -14.52 -2.59
C ALA A 245 13.93 -15.93 -2.46
N SER A 246 13.38 -16.88 -3.22
CA SER A 246 13.85 -18.26 -3.14
C SER A 246 14.19 -18.89 -4.48
N VAL A 247 14.93 -20.01 -4.42
CA VAL A 247 15.31 -20.76 -5.61
C VAL A 247 15.40 -22.23 -5.24
N VAL A 248 15.12 -23.11 -6.21
CA VAL A 248 15.18 -24.56 -5.98
C VAL A 248 16.50 -25.06 -6.57
N VAL A 249 17.23 -25.81 -5.76
CA VAL A 249 18.55 -26.33 -6.18
C VAL A 249 18.72 -27.80 -5.83
N PRO A 250 19.73 -28.46 -6.43
CA PRO A 250 19.99 -29.88 -6.17
C PRO A 250 20.54 -30.13 -4.76
N LEU A 251 20.09 -31.21 -4.13
CA LEU A 251 20.54 -31.56 -2.79
C LEU A 251 22.06 -31.79 -2.81
N GLY A 252 22.74 -31.28 -1.80
CA GLY A 252 24.18 -31.45 -1.72
C GLY A 252 25.00 -30.42 -2.48
N LYS A 253 24.31 -29.47 -3.11
CA LYS A 253 25.00 -28.43 -3.88
C LYS A 253 24.59 -27.04 -3.43
N GLU A 254 24.02 -26.94 -2.22
CA GLU A 254 23.58 -25.67 -1.69
C GLU A 254 24.69 -24.64 -1.55
N GLN A 255 25.91 -25.11 -1.25
CA GLN A 255 27.05 -24.21 -1.07
C GLN A 255 27.47 -23.43 -2.32
N TYR A 256 26.95 -23.81 -3.48
CA TYR A 256 27.31 -23.12 -4.72
C TYR A 256 26.38 -21.96 -5.06
N TYR A 257 25.36 -21.76 -4.25
CA TYR A 257 24.42 -20.67 -4.49
C TYR A 257 24.57 -19.57 -3.45
N THR A 258 24.54 -18.32 -3.90
CA THR A 258 24.69 -17.19 -3.00
C THR A 258 23.59 -16.15 -3.18
N CYS A 259 23.13 -15.61 -2.06
CA CYS A 259 22.09 -14.56 -2.09
C CYS A 259 22.81 -13.23 -2.01
N HIS A 260 22.35 -12.26 -2.78
CA HIS A 260 22.94 -10.92 -2.79
C HIS A 260 21.86 -9.91 -2.43
N VAL A 261 22.19 -9.00 -1.50
CA VAL A 261 21.25 -7.97 -1.05
C VAL A 261 21.82 -6.57 -1.29
N TYR A 262 21.11 -5.77 -2.08
CA TYR A 262 21.54 -4.40 -2.37
C TYR A 262 20.55 -3.42 -1.76
N HIS A 263 21.05 -2.44 -1.02
CA HIS A 263 20.18 -1.46 -0.38
C HIS A 263 20.93 -0.19 0.01
N GLN A 264 20.18 0.90 0.10
CA GLN A 264 20.73 2.21 0.48
C GLN A 264 21.53 2.15 1.78
N GLY A 265 21.14 1.26 2.69
CA GLY A 265 21.83 1.13 3.96
C GLY A 265 22.96 0.10 3.99
N LEU A 266 23.38 -0.36 2.81
CA LEU A 266 24.46 -1.34 2.71
C LEU A 266 25.58 -0.77 1.85
N PRO A 267 26.58 -0.12 2.48
CA PRO A 267 27.71 0.45 1.75
C PRO A 267 28.27 -0.56 0.75
N GLU A 268 28.34 -1.81 1.19
CA GLU A 268 28.78 -2.90 0.35
C GLU A 268 27.66 -3.94 0.46
N PRO A 269 27.13 -4.40 -0.68
CA PRO A 269 26.05 -5.39 -0.70
C PRO A 269 26.38 -6.64 0.10
N LEU A 270 25.35 -7.26 0.68
CA LEU A 270 25.52 -8.46 1.47
C LEU A 270 25.55 -9.71 0.58
N THR A 271 26.41 -10.65 0.94
CA THR A 271 26.54 -11.91 0.23
C THR A 271 26.46 -12.99 1.30
N LEU A 272 25.53 -13.93 1.16
CA LEU A 272 25.41 -14.99 2.15
C LEU A 272 24.97 -16.30 1.52
N ARG A 273 25.16 -17.38 2.26
CA ARG A 273 24.79 -18.71 1.78
C ARG A 273 24.27 -19.55 2.95
N TRP A 274 23.66 -20.69 2.63
CA TRP A 274 23.13 -21.57 3.64
C TRP A 274 24.24 -22.08 4.56
N ILE B 1 -13.80 -6.03 -11.81
CA ILE B 1 -12.83 -7.17 -11.85
C ILE B 1 -12.89 -7.96 -10.54
N GLN B 2 -12.72 -9.26 -10.63
CA GLN B 2 -12.72 -10.08 -9.42
C GLN B 2 -11.34 -10.70 -9.29
N LYS B 3 -10.58 -10.22 -8.32
CA LYS B 3 -9.23 -10.72 -8.08
C LYS B 3 -9.18 -11.29 -6.66
N THR B 4 -8.69 -12.52 -6.56
CA THR B 4 -8.59 -13.23 -5.29
C THR B 4 -7.38 -12.73 -4.47
N PRO B 5 -7.59 -12.45 -3.18
CA PRO B 5 -6.49 -11.96 -2.33
C PRO B 5 -5.35 -12.93 -2.03
N GLN B 6 -4.14 -12.38 -1.96
CA GLN B 6 -2.97 -13.15 -1.58
C GLN B 6 -2.86 -12.81 -0.10
N ILE B 7 -2.65 -13.82 0.74
CA ILE B 7 -2.58 -13.60 2.19
C ILE B 7 -1.22 -14.03 2.73
N GLN B 8 -0.47 -13.08 3.30
CA GLN B 8 0.86 -13.34 3.83
C GLN B 8 0.97 -13.06 5.33
N VAL B 9 1.43 -14.04 6.10
CA VAL B 9 1.57 -13.92 7.55
C VAL B 9 3.05 -14.04 7.96
N TYR B 10 3.54 -13.05 8.72
CA TYR B 10 4.95 -13.01 9.11
C TYR B 10 5.23 -12.12 10.33
N SER B 11 6.31 -12.40 11.06
CA SER B 11 6.67 -11.59 12.22
C SER B 11 7.75 -10.57 11.83
N ARG B 12 7.86 -9.50 12.62
CA ARG B 12 8.84 -8.44 12.40
C ARG B 12 10.27 -8.90 12.66
N HIS B 13 10.46 -9.63 13.75
CA HIS B 13 11.77 -10.14 14.15
C HIS B 13 11.74 -11.66 14.10
N PRO B 14 12.91 -12.30 13.92
CA PRO B 14 12.90 -13.75 13.91
C PRO B 14 12.30 -14.14 15.27
N PRO B 15 11.41 -15.15 15.31
CA PRO B 15 10.81 -15.54 16.58
C PRO B 15 11.73 -16.16 17.63
N GLU B 16 11.57 -15.69 18.87
CA GLU B 16 12.31 -16.17 20.03
C GLU B 16 11.31 -16.22 21.18
N ASN B 17 11.04 -17.41 21.70
CA ASN B 17 10.08 -17.57 22.79
C ASN B 17 10.37 -16.69 24.00
N GLY B 18 9.33 -15.95 24.43
CA GLY B 18 9.47 -15.08 25.59
C GLY B 18 9.84 -13.65 25.29
N LYS B 19 10.16 -13.34 24.04
CA LYS B 19 10.54 -11.98 23.67
C LYS B 19 9.47 -11.28 22.82
N PRO B 20 9.12 -10.04 23.18
CA PRO B 20 8.11 -9.25 22.46
C PRO B 20 8.46 -9.15 20.98
N ASN B 21 7.42 -9.15 20.13
CA ASN B 21 7.57 -9.11 18.68
C ASN B 21 6.30 -8.48 18.10
N ILE B 22 6.18 -8.52 16.77
CA ILE B 22 5.01 -7.99 16.06
C ILE B 22 4.58 -9.02 15.00
N LEU B 23 3.29 -9.34 14.95
CA LEU B 23 2.80 -10.29 13.93
C LEU B 23 1.99 -9.52 12.88
N ASN B 24 2.24 -9.86 11.61
CA ASN B 24 1.60 -9.19 10.48
C ASN B 24 0.79 -10.11 9.56
N CYS B 25 -0.29 -9.57 9.01
CA CYS B 25 -1.10 -10.27 8.02
C CYS B 25 -1.31 -9.24 6.91
N TYR B 26 -0.63 -9.44 5.78
CA TYR B 26 -0.73 -8.51 4.64
C TYR B 26 -1.61 -9.17 3.58
N VAL B 27 -2.73 -8.51 3.27
CA VAL B 27 -3.69 -9.03 2.29
C VAL B 27 -3.57 -8.17 1.04
N THR B 28 -3.25 -8.80 -0.08
CA THR B 28 -3.00 -8.04 -1.31
C THR B 28 -3.63 -8.53 -2.61
N GLN B 29 -3.50 -7.70 -3.64
CA GLN B 29 -3.97 -8.00 -4.99
C GLN B 29 -5.45 -8.38 -5.12
N PHE B 30 -6.31 -7.75 -4.33
CA PHE B 30 -7.73 -8.08 -4.40
C PHE B 30 -8.65 -6.98 -4.94
N HIS B 31 -9.82 -7.40 -5.40
CA HIS B 31 -10.85 -6.51 -5.94
C HIS B 31 -12.11 -7.38 -6.10
N PRO B 32 -13.29 -6.88 -5.68
CA PRO B 32 -13.60 -5.57 -5.09
C PRO B 32 -13.00 -5.33 -3.69
N PRO B 33 -13.08 -4.09 -3.20
CA PRO B 33 -12.56 -3.71 -1.89
C PRO B 33 -13.16 -4.29 -0.62
N HIS B 34 -14.46 -4.64 -0.63
CA HIS B 34 -15.08 -5.19 0.57
C HIS B 34 -14.35 -6.46 1.01
N ILE B 35 -13.96 -6.51 2.28
CA ILE B 35 -13.23 -7.66 2.79
C ILE B 35 -13.23 -7.71 4.33
N GLU B 36 -13.10 -8.91 4.89
CA GLU B 36 -13.07 -9.07 6.35
C GLU B 36 -11.77 -9.76 6.73
N ILE B 37 -11.03 -9.17 7.66
CA ILE B 37 -9.74 -9.71 8.09
C ILE B 37 -9.65 -9.84 9.61
N GLN B 38 -9.31 -11.02 10.10
CA GLN B 38 -9.18 -11.23 11.54
C GLN B 38 -7.93 -12.03 11.88
N MET B 39 -7.26 -11.67 12.99
CA MET B 39 -6.07 -12.38 13.44
C MET B 39 -6.49 -13.22 14.65
N LEU B 40 -6.01 -14.47 14.71
CA LEU B 40 -6.37 -15.39 15.77
C LEU B 40 -5.18 -15.98 16.54
N LYS B 41 -5.35 -16.15 17.85
CA LYS B 41 -4.33 -16.75 18.72
C LYS B 41 -5.00 -17.98 19.31
N ASN B 42 -4.42 -19.16 19.03
CA ASN B 42 -5.00 -20.40 19.53
C ASN B 42 -6.49 -20.48 19.20
N GLY B 43 -6.83 -20.04 17.98
CA GLY B 43 -8.21 -20.09 17.51
C GLY B 43 -9.17 -19.03 18.00
N LYS B 44 -8.69 -18.10 18.83
CA LYS B 44 -9.55 -17.06 19.35
C LYS B 44 -9.16 -15.69 18.80
N LYS B 45 -10.15 -14.88 18.46
CA LYS B 45 -9.88 -13.55 17.91
C LYS B 45 -9.03 -12.70 18.83
N ILE B 46 -8.04 -12.04 18.25
CA ILE B 46 -7.15 -11.15 18.99
C ILE B 46 -7.81 -9.78 18.97
N PRO B 47 -8.02 -9.17 20.15
CA PRO B 47 -8.66 -7.85 20.17
C PRO B 47 -7.67 -6.72 19.90
N LYS B 48 -8.21 -5.59 19.47
CA LYS B 48 -7.40 -4.40 19.22
C LYS B 48 -6.32 -4.52 18.13
N VAL B 49 -6.58 -5.33 17.10
CA VAL B 49 -5.63 -5.48 16.00
C VAL B 49 -5.64 -4.16 15.22
N GLU B 50 -4.45 -3.72 14.79
CA GLU B 50 -4.35 -2.46 14.04
C GLU B 50 -4.35 -2.65 12.52
N MET B 51 -5.19 -1.89 11.81
CA MET B 51 -5.24 -1.97 10.35
C MET B 51 -4.47 -0.76 9.82
N SER B 52 -3.60 -0.97 8.84
CA SER B 52 -2.79 0.11 8.30
C SER B 52 -2.30 -0.16 6.89
N ASP B 53 -1.55 0.80 6.35
CA ASP B 53 -0.95 0.69 5.03
C ASP B 53 -1.87 0.27 3.88
N MET B 54 -3.05 0.87 3.83
N MET B 54 -3.05 0.87 3.83
CA MET B 54 -3.98 0.57 2.75
CA MET B 54 -4.00 0.57 2.76
C MET B 54 -3.52 1.33 1.51
C MET B 54 -3.57 1.34 1.50
N SER B 55 -3.48 0.65 0.37
CA SER B 55 -3.07 1.28 -0.89
C SER B 55 -3.55 0.43 -2.05
N PHE B 56 -3.23 0.85 -3.28
CA PHE B 56 -3.54 0.05 -4.44
C PHE B 56 -2.44 0.18 -5.50
N SER B 57 -2.27 -0.89 -6.27
CA SER B 57 -1.23 -0.94 -7.30
C SER B 57 -1.63 -0.32 -8.62
N LYS B 58 -0.72 -0.40 -9.60
CA LYS B 58 -0.95 0.16 -10.93
C LYS B 58 -2.14 -0.47 -11.65
N ASP B 59 -2.45 -1.73 -11.32
CA ASP B 59 -3.59 -2.39 -11.96
C ASP B 59 -4.86 -2.22 -11.11
N TRP B 60 -4.78 -1.34 -10.12
CA TRP B 60 -5.88 -0.98 -9.23
C TRP B 60 -6.27 -1.96 -8.11
N SER B 61 -5.54 -3.06 -7.97
N SER B 61 -5.52 -3.04 -7.95
CA SER B 61 -5.89 -4.02 -6.92
CA SER B 61 -5.82 -4.02 -6.90
C SER B 61 -5.52 -3.44 -5.55
C SER B 61 -5.51 -3.44 -5.53
N PHE B 62 -6.28 -3.85 -4.52
CA PHE B 62 -6.08 -3.35 -3.15
C PHE B 62 -5.06 -4.12 -2.31
N TYR B 63 -4.46 -3.39 -1.36
CA TYR B 63 -3.47 -3.90 -0.41
C TYR B 63 -3.78 -3.32 0.97
N ILE B 64 -3.66 -4.13 2.02
CA ILE B 64 -3.87 -3.64 3.38
C ILE B 64 -3.19 -4.54 4.42
N LEU B 65 -2.70 -3.93 5.50
CA LEU B 65 -2.00 -4.66 6.56
C LEU B 65 -2.74 -4.70 7.89
N ALA B 66 -2.68 -5.85 8.55
CA ALA B 66 -3.26 -6.05 9.88
C ALA B 66 -2.06 -6.45 10.75
N HIS B 67 -1.91 -5.84 11.92
CA HIS B 67 -0.78 -6.22 12.79
C HIS B 67 -1.06 -6.05 14.28
N THR B 68 -0.31 -6.78 15.09
CA THR B 68 -0.49 -6.74 16.54
C THR B 68 0.78 -7.16 17.26
N GLU B 69 0.96 -6.66 18.49
CA GLU B 69 2.12 -7.03 19.28
C GLU B 69 1.88 -8.41 19.85
N PHE B 70 2.94 -9.20 20.02
CA PHE B 70 2.78 -10.52 20.60
C PHE B 70 4.11 -11.05 21.11
N THR B 71 4.04 -11.98 22.06
CA THR B 71 5.23 -12.61 22.61
C THR B 71 5.04 -14.10 22.36
N PRO B 72 5.70 -14.63 21.33
CA PRO B 72 5.56 -16.06 21.00
C PRO B 72 6.07 -17.04 22.06
N THR B 73 5.42 -18.20 22.11
CA THR B 73 5.82 -19.28 23.01
C THR B 73 5.99 -20.47 22.08
N GLU B 74 6.58 -21.55 22.58
CA GLU B 74 6.81 -22.71 21.73
C GLU B 74 5.55 -23.31 21.10
N THR B 75 4.44 -23.33 21.83
CA THR B 75 3.24 -23.95 21.30
C THR B 75 2.00 -23.10 20.99
N ASP B 76 2.07 -21.78 21.16
CA ASP B 76 0.91 -20.96 20.82
C ASP B 76 0.89 -20.87 19.30
N THR B 77 -0.29 -20.96 18.69
CA THR B 77 -0.38 -20.86 17.24
C THR B 77 -1.13 -19.58 16.86
N TYR B 78 -0.80 -19.04 15.70
CA TYR B 78 -1.43 -17.81 15.21
C TYR B 78 -1.84 -17.97 13.76
N ALA B 79 -2.94 -17.30 13.37
CA ALA B 79 -3.42 -17.38 12.01
C ALA B 79 -4.16 -16.10 11.59
N CYS B 80 -4.46 -16.02 10.30
CA CYS B 80 -5.18 -14.88 9.73
C CYS B 80 -6.34 -15.44 8.91
N ARG B 81 -7.56 -15.02 9.22
CA ARG B 81 -8.74 -15.50 8.49
C ARG B 81 -9.32 -14.38 7.64
N VAL B 82 -9.54 -14.67 6.36
CA VAL B 82 -10.05 -13.66 5.42
C VAL B 82 -11.28 -14.08 4.64
N LYS B 83 -12.26 -13.17 4.54
CA LYS B 83 -13.49 -13.44 3.79
C LYS B 83 -13.61 -12.42 2.67
N HIS B 84 -13.74 -12.89 1.43
CA HIS B 84 -13.85 -12.04 0.24
C HIS B 84 -14.77 -12.72 -0.78
N ASP B 85 -15.50 -11.92 -1.56
CA ASP B 85 -16.42 -12.49 -2.56
C ASP B 85 -15.81 -13.42 -3.59
N SER B 86 -14.51 -13.30 -3.83
CA SER B 86 -13.85 -14.15 -4.82
C SER B 86 -13.71 -15.60 -4.35
N MET B 87 -13.93 -15.83 -3.06
CA MET B 87 -13.81 -17.17 -2.49
C MET B 87 -15.13 -17.70 -1.94
N ALA B 88 -15.36 -19.00 -2.09
CA ALA B 88 -16.58 -19.63 -1.62
C ALA B 88 -16.70 -19.58 -0.10
N GLU B 89 -15.58 -19.77 0.58
CA GLU B 89 -15.56 -19.75 2.04
C GLU B 89 -14.37 -18.98 2.57
N PRO B 90 -14.37 -18.64 3.86
CA PRO B 90 -13.26 -17.90 4.47
C PRO B 90 -11.98 -18.70 4.36
N LYS B 91 -10.86 -18.01 4.16
CA LYS B 91 -9.57 -18.67 4.04
C LYS B 91 -8.73 -18.36 5.26
N THR B 92 -8.23 -19.41 5.92
CA THR B 92 -7.40 -19.24 7.11
C THR B 92 -5.95 -19.62 6.81
N VAL B 93 -5.04 -18.66 6.97
CA VAL B 93 -3.61 -18.89 6.71
C VAL B 93 -2.82 -18.82 8.01
N TYR B 94 -2.10 -19.91 8.33
CA TYR B 94 -1.32 -19.96 9.56
C TYR B 94 0.09 -19.39 9.47
N TRP B 95 0.57 -18.85 10.59
CA TRP B 95 1.92 -18.32 10.69
C TRP B 95 2.83 -19.55 10.72
N ASP B 96 3.80 -19.59 9.80
CA ASP B 96 4.77 -20.68 9.72
C ASP B 96 6.09 -20.10 10.20
N ARG B 97 6.43 -20.34 11.46
CA ARG B 97 7.65 -19.78 12.03
C ARG B 97 8.96 -20.36 11.48
N ASP B 98 8.88 -21.37 10.64
CA ASP B 98 10.09 -21.97 10.08
C ASP B 98 10.32 -21.59 8.61
N MET B 99 9.42 -20.79 8.05
CA MET B 99 9.52 -20.38 6.66
C MET B 99 10.86 -19.72 6.32
N PHE C 1 -0.76 17.87 2.52
CA PHE C 1 -1.96 18.72 2.26
C PHE C 1 -2.71 18.08 1.09
N ALA C 2 -3.89 17.53 1.38
CA ALA C 2 -4.69 16.84 0.37
C ALA C 2 -5.35 17.71 -0.69
N PRO C 3 -5.63 17.13 -1.87
CA PRO C 3 -6.28 17.87 -2.96
C PRO C 3 -7.61 18.40 -2.41
N GLY C 4 -7.97 19.63 -2.79
CA GLY C 4 -9.18 20.24 -2.28
C GLY C 4 -10.52 20.09 -2.97
N ASN C 5 -10.56 19.99 -4.30
CA ASN C 5 -11.85 19.87 -4.99
C ASN C 5 -11.82 18.97 -6.22
N TYR C 6 -12.19 17.71 -6.04
CA TYR C 6 -12.20 16.79 -7.17
C TYR C 6 -13.41 17.11 -8.03
N PRO C 7 -13.17 17.56 -9.29
CA PRO C 7 -14.27 17.90 -10.20
C PRO C 7 -15.18 16.69 -10.41
N ALA C 8 -16.49 16.93 -10.50
CA ALA C 8 -17.44 15.85 -10.70
C ALA C 8 -17.25 15.21 -12.06
N LEU C 9 -17.43 13.89 -12.14
CA LEU C 9 -17.27 13.18 -13.42
C LEU C 9 -18.43 13.47 -14.37
#